data_3G3N
#
_entry.id   3G3N
#
_cell.length_a   115.447
_cell.length_b   115.447
_cell.length_c   64.389
_cell.angle_alpha   90.00
_cell.angle_beta   90.00
_cell.angle_gamma   120.00
#
_symmetry.space_group_name_H-M   'P 31 2 1'
#
loop_
_entity.id
_entity.type
_entity.pdbx_description
1 polymer "High affinity cAMP-specific 3',5'-cyclic phosphodiesterase 7A"
2 non-polymer 3-(2,6-difluorophenyl)-2-(methylthio)quinazolin-4(3H)-one
3 non-polymer 'ZINC ION'
4 non-polymer 'MAGNESIUM ION'
#
_entity_poly.entity_id   1
_entity_poly.type   'polypeptide(L)'
_entity_poly.pdbx_seq_one_letter_code
;DYNGQAKCMLEKVGNWNFDIFLFDRLTNGNSLVSLTFHLFSLHGLIEYFHLDMMKLRRFLVMIQEDYHSQNPYHNAVHAA
DVTQAMHCYLKEPKLANSVTPWDILLSLIAAATHDLDHPGVNQPFLIKTNHYLATLYKNTSVLENHHWRSAVGLLRESGL
FSHLPLESRQQMETQIGALILATDISRQNEYLSLFRSHLDRGDLCLEDTRHRHLVLQMALKCADICNPCRTWELSKQWSE
KVTEEFFHQGDIEKKYHLGVSPLCDRHTESIANIQIGFMTYLVEPLFTEWARFSNTRLSQTMLGHVGLNKASWKGLQR
;
_entity_poly.pdbx_strand_id   A
#
loop_
_chem_comp.id
_chem_comp.type
_chem_comp.name
_chem_comp.formula
MG non-polymer 'MAGNESIUM ION' 'Mg 2'
TC8 non-polymer 3-(2,6-difluorophenyl)-2-(methylthio)quinazolin-4(3H)-one 'C15 H10 F2 N2 O S'
ZN non-polymer 'ZINC ION' 'Zn 2'
#
# COMPACT_ATOMS: atom_id res chain seq x y z
N ASP A 1 -24.58 16.73 6.14
CA ASP A 1 -25.33 15.47 5.84
C ASP A 1 -24.37 14.35 5.45
N TYR A 2 -23.71 14.53 4.31
CA TYR A 2 -22.76 13.55 3.78
C TYR A 2 -21.60 13.31 4.74
N ASN A 3 -21.12 14.39 5.37
CA ASN A 3 -20.01 14.30 6.31
C ASN A 3 -20.43 13.70 7.65
N GLY A 4 -21.71 13.38 7.79
CA GLY A 4 -22.20 12.78 9.01
C GLY A 4 -22.26 11.27 8.86
N GLN A 5 -22.33 10.82 7.61
CA GLN A 5 -22.39 9.40 7.30
C GLN A 5 -20.99 8.81 7.26
N ALA A 6 -20.00 9.68 7.08
CA ALA A 6 -18.61 9.25 7.03
C ALA A 6 -18.16 8.79 8.41
N LYS A 7 -18.56 9.53 9.44
CA LYS A 7 -18.21 9.18 10.81
C LYS A 7 -18.64 7.75 11.12
N CYS A 8 -19.84 7.38 10.70
CA CYS A 8 -20.33 6.04 10.98
C CYS A 8 -19.51 4.95 10.31
N MET A 9 -19.07 5.19 9.08
CA MET A 9 -18.26 4.19 8.37
C MET A 9 -16.99 3.91 9.16
N LEU A 10 -16.40 4.97 9.72
CA LEU A 10 -15.17 4.82 10.50
C LEU A 10 -15.33 3.94 11.74
N GLU A 11 -16.56 3.63 12.12
CA GLU A 11 -16.78 2.79 13.28
C GLU A 11 -16.46 1.36 12.88
N LYS A 12 -16.47 1.10 11.59
CA LYS A 12 -16.16 -0.22 11.07
C LYS A 12 -14.90 -0.17 10.22
N VAL A 13 -14.00 0.74 10.54
CA VAL A 13 -12.76 0.90 9.81
C VAL A 13 -11.87 -0.35 9.93
N GLY A 14 -12.15 -1.19 10.91
CA GLY A 14 -11.37 -2.41 11.10
C GLY A 14 -11.97 -3.60 10.38
N ASN A 15 -13.03 -3.33 9.62
CA ASN A 15 -13.75 -4.34 8.85
C ASN A 15 -13.08 -4.60 7.51
N TRP A 16 -12.92 -5.86 7.15
CA TRP A 16 -12.30 -6.17 5.88
C TRP A 16 -13.13 -5.69 4.69
N ASN A 17 -14.44 -5.57 4.86
CA ASN A 17 -15.30 -5.11 3.76
C ASN A 17 -15.52 -3.60 3.73
N PHE A 18 -14.65 -2.85 4.39
CA PHE A 18 -14.75 -1.41 4.38
C PHE A 18 -14.79 -0.95 2.91
N ASP A 19 -15.68 -0.03 2.58
CA ASP A 19 -15.80 0.48 1.21
C ASP A 19 -15.07 1.82 1.06
N ILE A 20 -13.80 1.78 0.69
CA ILE A 20 -13.00 2.99 0.56
C ILE A 20 -13.53 3.97 -0.50
N PHE A 21 -14.10 3.46 -1.59
CA PHE A 21 -14.64 4.30 -2.66
C PHE A 21 -15.81 5.16 -2.17
N LEU A 22 -16.70 4.57 -1.39
CA LEU A 22 -17.83 5.31 -0.87
C LEU A 22 -17.29 6.38 0.07
N PHE A 23 -16.43 5.96 0.99
CA PHE A 23 -15.84 6.86 1.96
C PHE A 23 -15.20 8.09 1.30
N ASP A 24 -14.54 7.87 0.17
CA ASP A 24 -13.88 8.95 -0.55
C ASP A 24 -14.92 9.83 -1.26
N ARG A 25 -16.04 9.23 -1.61
CA ARG A 25 -17.09 10.00 -2.27
C ARG A 25 -17.73 10.90 -1.22
N LEU A 26 -18.05 10.34 -0.06
CA LEU A 26 -18.67 11.10 1.01
C LEU A 26 -17.80 12.24 1.54
N THR A 27 -16.48 12.07 1.50
CA THR A 27 -15.56 13.10 1.99
C THR A 27 -15.03 14.07 0.95
N ASN A 28 -15.49 13.92 -0.30
CA ASN A 28 -15.03 14.80 -1.37
C ASN A 28 -13.55 14.62 -1.68
N GLY A 29 -13.11 13.36 -1.66
CA GLY A 29 -11.72 13.06 -1.97
C GLY A 29 -10.78 13.32 -0.82
N ASN A 30 -11.26 13.16 0.41
CA ASN A 30 -10.41 13.39 1.58
C ASN A 30 -10.25 12.10 2.38
N SER A 31 -10.44 10.94 1.76
CA SER A 31 -10.32 9.67 2.45
C SER A 31 -8.98 9.43 3.15
N LEU A 32 -7.87 9.63 2.45
CA LEU A 32 -6.56 9.40 3.07
C LEU A 32 -6.44 10.21 4.36
N VAL A 33 -6.63 11.51 4.27
CA VAL A 33 -6.56 12.37 5.46
C VAL A 33 -7.54 11.96 6.56
N SER A 34 -8.81 11.84 6.18
CA SER A 34 -9.86 11.49 7.13
C SER A 34 -9.64 10.13 7.78
N LEU A 35 -9.30 9.12 6.98
CA LEU A 35 -9.07 7.78 7.53
C LEU A 35 -7.79 7.69 8.36
N THR A 36 -6.69 8.25 7.86
CA THR A 36 -5.43 8.19 8.59
C THR A 36 -5.48 8.98 9.90
N PHE A 37 -6.12 10.14 9.89
CA PHE A 37 -6.22 10.95 11.10
C PHE A 37 -6.99 10.15 12.16
N HIS A 38 -8.04 9.46 11.73
CA HIS A 38 -8.84 8.68 12.65
C HIS A 38 -8.01 7.53 13.23
N LEU A 39 -7.21 6.89 12.40
CA LEU A 39 -6.38 5.78 12.87
C LEU A 39 -5.34 6.25 13.90
N PHE A 40 -4.85 7.47 13.75
CA PHE A 40 -3.86 8.02 14.70
C PHE A 40 -4.53 8.16 16.06
N SER A 41 -5.75 8.66 16.04
CA SER A 41 -6.53 8.84 17.24
C SER A 41 -6.90 7.48 17.81
N LEU A 42 -7.38 6.60 16.94
CA LEU A 42 -7.79 5.25 17.35
C LEU A 42 -6.65 4.44 17.99
N HIS A 43 -5.43 4.59 17.46
CA HIS A 43 -4.29 3.86 18.01
C HIS A 43 -3.61 4.70 19.08
N GLY A 44 -4.24 5.82 19.44
CA GLY A 44 -3.71 6.70 20.47
C GLY A 44 -2.36 7.34 20.21
N LEU A 45 -1.97 7.44 18.94
CA LEU A 45 -0.67 8.01 18.58
C LEU A 45 -0.54 9.50 18.91
N ILE A 46 -1.66 10.24 18.89
CA ILE A 46 -1.61 11.67 19.17
C ILE A 46 -1.11 11.91 20.58
N GLU A 47 -1.70 11.22 21.55
CA GLU A 47 -1.28 11.37 22.95
C GLU A 47 0.14 10.79 23.13
N TYR A 48 0.33 9.55 22.71
CA TYR A 48 1.61 8.86 22.83
C TYR A 48 2.83 9.65 22.40
N PHE A 49 2.70 10.42 21.32
CA PHE A 49 3.84 11.19 20.84
C PHE A 49 3.64 12.71 20.95
N HIS A 50 2.69 13.12 21.78
CA HIS A 50 2.38 14.53 21.99
C HIS A 50 2.27 15.27 20.67
N LEU A 51 1.45 14.74 19.77
CA LEU A 51 1.28 15.34 18.45
C LEU A 51 0.40 16.56 18.40
N ASP A 52 0.87 17.58 17.70
CA ASP A 52 0.12 18.81 17.51
C ASP A 52 -0.89 18.48 16.42
N MET A 53 -2.17 18.39 16.77
CA MET A 53 -3.20 18.05 15.78
C MET A 53 -3.28 18.97 14.57
N MET A 54 -2.83 20.21 14.71
CA MET A 54 -2.84 21.15 13.59
C MET A 54 -1.75 20.71 12.61
N LYS A 55 -0.58 20.39 13.16
CA LYS A 55 0.54 19.95 12.34
C LYS A 55 0.23 18.61 11.70
N LEU A 56 -0.55 17.78 12.39
CA LEU A 56 -0.91 16.46 11.87
C LEU A 56 -1.82 16.55 10.63
N ARG A 57 -2.79 17.47 10.66
CA ARG A 57 -3.68 17.62 9.53
C ARG A 57 -2.89 18.16 8.34
N ARG A 58 -2.05 19.17 8.58
CA ARG A 58 -1.24 19.73 7.51
C ARG A 58 -0.44 18.63 6.83
N PHE A 59 0.25 17.84 7.63
CA PHE A 59 1.07 16.75 7.14
C PHE A 59 0.27 15.76 6.29
N LEU A 60 -0.85 15.30 6.83
CA LEU A 60 -1.70 14.36 6.12
C LEU A 60 -2.26 14.96 4.82
N VAL A 61 -2.53 16.26 4.82
CA VAL A 61 -3.04 16.92 3.63
C VAL A 61 -1.95 17.03 2.57
N MET A 62 -0.73 17.36 2.99
CA MET A 62 0.38 17.47 2.05
C MET A 62 0.56 16.13 1.33
N ILE A 63 0.38 15.04 2.07
CA ILE A 63 0.51 13.70 1.52
C ILE A 63 -0.57 13.43 0.47
N GLN A 64 -1.81 13.63 0.87
CA GLN A 64 -2.95 13.39 0.00
C GLN A 64 -2.91 14.18 -1.31
N GLU A 65 -2.54 15.45 -1.22
CA GLU A 65 -2.47 16.29 -2.40
C GLU A 65 -1.19 16.03 -3.22
N ASP A 66 -0.25 15.26 -2.69
CA ASP A 66 0.96 14.98 -3.44
C ASP A 66 0.72 13.76 -4.35
N TYR A 67 -0.44 13.13 -4.19
CA TYR A 67 -0.79 12.02 -5.04
C TYR A 67 -1.42 12.65 -6.28
N HIS A 68 -1.27 12.00 -7.42
CA HIS A 68 -1.86 12.53 -8.64
C HIS A 68 -3.26 11.95 -8.74
N SER A 69 -4.27 12.77 -8.47
CA SER A 69 -5.65 12.33 -8.53
C SER A 69 -6.04 11.93 -9.95
N GLN A 70 -5.19 12.24 -10.92
CA GLN A 70 -5.48 11.91 -12.29
C GLN A 70 -5.11 10.48 -12.65
N ASN A 71 -4.26 9.85 -11.83
CA ASN A 71 -3.92 8.45 -12.10
C ASN A 71 -5.14 7.62 -11.74
N PRO A 72 -5.63 6.77 -12.67
CA PRO A 72 -6.80 5.97 -12.33
C PRO A 72 -6.58 4.99 -11.16
N TYR A 73 -5.35 4.54 -10.95
CA TYR A 73 -5.09 3.61 -9.85
C TYR A 73 -4.20 4.17 -8.74
N HIS A 74 -3.00 4.62 -9.09
CA HIS A 74 -2.10 5.16 -8.08
C HIS A 74 -2.40 6.59 -7.65
N ASN A 75 -3.40 6.72 -6.78
CA ASN A 75 -3.84 8.00 -6.25
C ASN A 75 -4.07 7.86 -4.74
N ALA A 76 -4.47 8.95 -4.09
CA ALA A 76 -4.69 8.92 -2.65
C ALA A 76 -5.70 7.86 -2.20
N VAL A 77 -6.67 7.55 -3.05
CA VAL A 77 -7.66 6.54 -2.70
C VAL A 77 -6.96 5.18 -2.53
N HIS A 78 -6.02 4.90 -3.41
CA HIS A 78 -5.29 3.63 -3.32
C HIS A 78 -4.47 3.63 -2.03
N ALA A 79 -3.87 4.77 -1.70
CA ALA A 79 -3.07 4.89 -0.49
C ALA A 79 -3.93 4.63 0.74
N ALA A 80 -5.12 5.23 0.74
CA ALA A 80 -6.06 5.08 1.84
C ALA A 80 -6.43 3.61 2.02
N ASP A 81 -6.59 2.90 0.92
CA ASP A 81 -6.94 1.49 0.96
C ASP A 81 -5.81 0.66 1.58
N VAL A 82 -4.58 0.90 1.14
CA VAL A 82 -3.44 0.19 1.69
C VAL A 82 -3.29 0.47 3.19
N THR A 83 -3.53 1.73 3.56
CA THR A 83 -3.44 2.16 4.95
C THR A 83 -4.51 1.42 5.77
N GLN A 84 -5.71 1.31 5.21
CA GLN A 84 -6.80 0.63 5.89
C GLN A 84 -6.49 -0.87 6.03
N ALA A 85 -5.94 -1.48 4.98
CA ALA A 85 -5.60 -2.89 5.04
C ALA A 85 -4.49 -3.09 6.09
N MET A 86 -3.58 -2.12 6.17
CA MET A 86 -2.48 -2.19 7.12
C MET A 86 -3.04 -2.22 8.54
N HIS A 87 -4.03 -1.37 8.78
CA HIS A 87 -4.68 -1.29 10.10
C HIS A 87 -5.28 -2.65 10.50
N CYS A 88 -5.92 -3.34 9.56
CA CYS A 88 -6.51 -4.65 9.86
C CYS A 88 -5.44 -5.68 10.23
N TYR A 89 -4.27 -5.59 9.59
CA TYR A 89 -3.18 -6.52 9.88
C TYR A 89 -2.58 -6.23 11.26
N LEU A 90 -2.49 -4.94 11.62
CA LEU A 90 -1.96 -4.56 12.91
C LEU A 90 -2.87 -5.09 14.03
N LYS A 91 -4.16 -5.26 13.72
CA LYS A 91 -5.12 -5.78 14.70
C LYS A 91 -4.95 -7.29 14.93
N GLU A 92 -4.28 -7.98 14.00
CA GLU A 92 -4.05 -9.42 14.13
C GLU A 92 -3.31 -9.69 15.43
N PRO A 93 -3.65 -10.77 16.13
CA PRO A 93 -3.03 -11.16 17.40
C PRO A 93 -1.50 -11.05 17.51
N LYS A 94 -0.78 -11.76 16.64
CA LYS A 94 0.68 -11.74 16.68
C LYS A 94 1.33 -10.36 16.51
N LEU A 95 0.68 -9.46 15.77
CA LEU A 95 1.26 -8.12 15.62
C LEU A 95 0.70 -7.22 16.71
N ALA A 96 -0.60 -7.33 16.94
CA ALA A 96 -1.23 -6.51 17.96
C ALA A 96 -0.49 -6.71 19.27
N ASN A 97 -0.12 -7.97 19.55
CA ASN A 97 0.57 -8.33 20.78
C ASN A 97 2.09 -8.09 20.82
N SER A 98 2.64 -7.37 19.84
CA SER A 98 4.09 -7.12 19.87
C SER A 98 4.53 -5.75 19.36
N VAL A 99 3.70 -5.10 18.54
CA VAL A 99 4.07 -3.80 18.02
C VAL A 99 3.93 -2.73 19.10
N THR A 100 4.79 -1.72 19.01
CA THR A 100 4.78 -0.60 19.93
C THR A 100 4.12 0.58 19.23
N PRO A 101 3.64 1.56 20.00
CA PRO A 101 3.01 2.73 19.37
C PRO A 101 3.87 3.23 18.21
N TRP A 102 5.19 3.22 18.44
CA TRP A 102 6.14 3.66 17.44
C TRP A 102 6.04 2.81 16.16
N ASP A 103 5.87 1.50 16.29
CA ASP A 103 5.74 0.67 15.09
C ASP A 103 4.47 1.03 14.33
N ILE A 104 3.38 1.21 15.07
CA ILE A 104 2.12 1.54 14.45
C ILE A 104 2.24 2.87 13.72
N LEU A 105 2.95 3.81 14.35
CA LEU A 105 3.16 5.14 13.78
C LEU A 105 3.91 5.06 12.45
N LEU A 106 4.97 4.26 12.40
CA LEU A 106 5.76 4.13 11.17
C LEU A 106 4.98 3.32 10.14
N SER A 107 4.18 2.38 10.60
CA SER A 107 3.40 1.54 9.70
C SER A 107 2.37 2.36 8.95
N LEU A 108 1.52 3.06 9.68
CA LEU A 108 0.50 3.88 9.07
C LEU A 108 1.09 4.95 8.15
N ILE A 109 2.14 5.66 8.58
CA ILE A 109 2.73 6.68 7.73
C ILE A 109 3.29 6.08 6.44
N ALA A 110 4.00 4.97 6.57
CA ALA A 110 4.57 4.30 5.42
C ALA A 110 3.45 3.86 4.47
N ALA A 111 2.36 3.33 5.02
CA ALA A 111 1.24 2.92 4.18
C ALA A 111 0.69 4.13 3.42
N ALA A 112 0.42 5.22 4.15
CA ALA A 112 -0.15 6.42 3.53
C ALA A 112 0.72 7.04 2.45
N THR A 113 2.03 6.87 2.57
CA THR A 113 2.96 7.47 1.61
C THR A 113 3.70 6.53 0.66
N HIS A 114 3.43 5.23 0.73
CA HIS A 114 4.15 4.26 -0.09
C HIS A 114 4.11 4.47 -1.63
N ASP A 115 3.19 5.30 -2.13
CA ASP A 115 3.11 5.58 -3.57
C ASP A 115 3.11 7.08 -3.82
N LEU A 116 3.59 7.85 -2.85
CA LEU A 116 3.61 9.30 -2.95
C LEU A 116 4.14 9.83 -4.27
N ASP A 117 3.40 10.75 -4.87
CA ASP A 117 3.81 11.38 -6.12
C ASP A 117 4.12 10.38 -7.22
N HIS A 118 3.36 9.30 -7.28
CA HIS A 118 3.55 8.28 -8.30
C HIS A 118 3.15 8.92 -9.64
N PRO A 119 3.97 8.75 -10.69
CA PRO A 119 3.68 9.33 -12.01
C PRO A 119 2.69 8.58 -12.89
N GLY A 120 2.31 7.37 -12.52
CA GLY A 120 1.36 6.62 -13.34
C GLY A 120 1.94 5.72 -14.42
N VAL A 121 3.26 5.57 -14.42
CA VAL A 121 3.97 4.73 -15.38
C VAL A 121 4.99 3.94 -14.55
N ASN A 122 5.38 2.76 -15.00
CA ASN A 122 6.29 1.94 -14.21
C ASN A 122 7.78 2.27 -14.35
N GLN A 123 8.61 1.51 -13.65
CA GLN A 123 10.06 1.72 -13.65
C GLN A 123 10.73 1.56 -15.01
N PRO A 124 10.47 0.44 -15.72
CA PRO A 124 11.11 0.31 -17.03
C PRO A 124 10.80 1.45 -17.99
N PHE A 125 9.62 2.05 -17.84
CA PHE A 125 9.21 3.18 -18.66
C PHE A 125 10.09 4.37 -18.32
N LEU A 126 10.30 4.62 -17.02
CA LEU A 126 11.13 5.74 -16.57
C LEU A 126 12.57 5.52 -16.99
N ILE A 127 13.02 4.27 -16.97
CA ILE A 127 14.39 3.99 -17.35
C ILE A 127 14.62 4.21 -18.86
N LYS A 128 13.83 3.57 -19.72
CA LYS A 128 14.03 3.73 -21.15
C LYS A 128 13.74 5.13 -21.70
N THR A 129 13.02 5.96 -20.94
CA THR A 129 12.74 7.32 -21.40
C THR A 129 13.67 8.31 -20.73
N ASN A 130 14.71 7.77 -20.10
CA ASN A 130 15.71 8.59 -19.42
C ASN A 130 15.17 9.62 -18.45
N HIS A 131 14.14 9.25 -17.69
CA HIS A 131 13.55 10.16 -16.72
C HIS A 131 14.59 10.43 -15.62
N TYR A 132 14.72 11.69 -15.18
CA TYR A 132 15.72 12.02 -14.17
C TYR A 132 15.64 11.17 -12.89
N LEU A 133 14.44 10.70 -12.54
CA LEU A 133 14.30 9.86 -11.34
C LEU A 133 15.08 8.56 -11.51
N ALA A 134 15.09 8.02 -12.72
CA ALA A 134 15.83 6.79 -12.99
C ALA A 134 17.33 7.05 -12.84
N THR A 135 17.74 8.28 -13.17
CA THR A 135 19.15 8.68 -13.05
C THR A 135 19.47 8.84 -11.57
N LEU A 136 18.64 9.62 -10.91
CA LEU A 136 18.81 9.88 -9.49
C LEU A 136 18.97 8.60 -8.66
N TYR A 137 18.15 7.59 -8.94
CA TYR A 137 18.23 6.36 -8.16
C TYR A 137 18.88 5.18 -8.84
N LYS A 138 19.72 5.48 -9.84
CA LYS A 138 20.47 4.47 -10.56
C LYS A 138 19.68 3.23 -10.96
N ASN A 139 18.55 3.44 -11.63
CA ASN A 139 17.68 2.36 -12.09
C ASN A 139 17.40 1.27 -11.06
N THR A 140 17.34 1.64 -9.78
CA THR A 140 17.08 0.67 -8.73
C THR A 140 15.96 1.15 -7.81
N SER A 141 14.85 0.42 -7.81
CA SER A 141 13.68 0.79 -7.00
C SER A 141 13.45 2.27 -7.18
N VAL A 142 13.49 2.70 -8.44
CA VAL A 142 13.30 4.09 -8.80
C VAL A 142 12.04 4.69 -8.17
N LEU A 143 10.90 4.07 -8.39
CA LEU A 143 9.66 4.58 -7.83
C LEU A 143 9.62 4.59 -6.31
N GLU A 144 9.89 3.43 -5.71
CA GLU A 144 9.88 3.32 -4.26
C GLU A 144 10.82 4.31 -3.60
N ASN A 145 12.01 4.49 -4.17
CA ASN A 145 12.97 5.45 -3.62
C ASN A 145 12.38 6.85 -3.72
N HIS A 146 11.69 7.13 -4.82
CA HIS A 146 11.08 8.43 -5.00
C HIS A 146 9.95 8.68 -4.00
N HIS A 147 9.14 7.66 -3.74
CA HIS A 147 8.05 7.80 -2.77
C HIS A 147 8.61 8.08 -1.38
N TRP A 148 9.68 7.39 -1.05
CA TRP A 148 10.31 7.54 0.25
C TRP A 148 10.97 8.90 0.45
N ARG A 149 11.83 9.31 -0.48
CA ARG A 149 12.47 10.61 -0.30
C ARG A 149 11.40 11.71 -0.28
N SER A 150 10.31 11.52 -1.03
CA SER A 150 9.22 12.51 -1.01
C SER A 150 8.58 12.54 0.38
N ALA A 151 8.37 11.35 0.97
CA ALA A 151 7.78 11.25 2.30
C ALA A 151 8.69 11.96 3.30
N VAL A 152 9.99 11.70 3.21
CA VAL A 152 10.97 12.33 4.08
C VAL A 152 10.89 13.85 3.88
N GLY A 153 10.54 14.27 2.67
CA GLY A 153 10.43 15.69 2.40
C GLY A 153 9.26 16.28 3.17
N LEU A 154 8.09 15.65 3.06
CA LEU A 154 6.91 16.14 3.76
C LEU A 154 7.07 16.00 5.27
N LEU A 155 7.77 14.96 5.72
CA LEU A 155 7.98 14.78 7.16
C LEU A 155 8.74 15.98 7.73
N ARG A 156 9.82 16.35 7.03
CA ARG A 156 10.63 17.47 7.48
C ARG A 156 9.89 18.79 7.39
N GLU A 157 9.19 19.01 6.30
CA GLU A 157 8.47 20.25 6.08
C GLU A 157 7.28 20.46 7.02
N SER A 158 6.73 19.37 7.54
CA SER A 158 5.58 19.46 8.43
C SER A 158 5.95 19.78 9.88
N GLY A 159 7.17 19.41 10.27
CA GLY A 159 7.61 19.64 11.63
C GLY A 159 6.77 18.89 12.65
N LEU A 160 6.01 17.90 12.18
CA LEU A 160 5.15 17.11 13.03
C LEU A 160 5.90 16.46 14.20
N PHE A 161 7.15 16.08 13.96
CA PHE A 161 7.96 15.42 14.98
C PHE A 161 9.20 16.24 15.35
N SER A 162 9.09 17.57 15.22
CA SER A 162 10.21 18.45 15.54
C SER A 162 10.57 18.38 17.01
N HIS A 163 9.60 18.08 17.87
CA HIS A 163 9.87 18.01 19.31
C HIS A 163 10.60 16.73 19.73
N LEU A 164 10.75 15.78 18.80
CA LEU A 164 11.45 14.54 19.11
C LEU A 164 12.91 14.73 18.75
N PRO A 165 13.82 13.97 19.38
CA PRO A 165 15.24 14.12 19.06
C PRO A 165 15.59 13.78 17.61
N LEU A 166 16.60 14.45 17.08
CA LEU A 166 17.06 14.22 15.71
C LEU A 166 17.20 12.74 15.42
N GLU A 167 17.98 12.04 16.25
CA GLU A 167 18.20 10.59 16.09
C GLU A 167 16.89 9.87 15.76
N SER A 168 15.85 10.19 16.52
CA SER A 168 14.53 9.58 16.34
C SER A 168 13.92 9.91 14.97
N ARG A 169 14.06 11.16 14.53
CA ARG A 169 13.51 11.56 13.24
C ARG A 169 14.25 10.84 12.13
N GLN A 170 15.56 10.66 12.32
CA GLN A 170 16.39 9.97 11.35
C GLN A 170 16.06 8.48 11.30
N GLN A 171 15.78 7.88 12.45
CA GLN A 171 15.44 6.47 12.48
C GLN A 171 14.07 6.30 11.82
N MET A 172 13.16 7.22 12.12
CA MET A 172 11.82 7.18 11.56
C MET A 172 11.95 7.15 10.04
N GLU A 173 12.86 7.97 9.51
CA GLU A 173 13.06 8.03 8.07
C GLU A 173 13.65 6.75 7.52
N THR A 174 14.58 6.16 8.25
CA THR A 174 15.21 4.93 7.81
C THR A 174 14.21 3.78 7.80
N GLN A 175 13.47 3.61 8.89
CA GLN A 175 12.51 2.52 9.01
C GLN A 175 11.31 2.67 8.06
N ILE A 176 10.89 3.90 7.78
CA ILE A 176 9.78 4.09 6.87
C ILE A 176 10.30 3.71 5.48
N GLY A 177 11.55 4.08 5.20
CA GLY A 177 12.16 3.76 3.92
C GLY A 177 12.23 2.25 3.71
N ALA A 178 12.61 1.52 4.74
CA ALA A 178 12.71 0.07 4.62
C ALA A 178 11.32 -0.53 4.37
N LEU A 179 10.29 0.07 4.97
CA LEU A 179 8.94 -0.42 4.77
C LEU A 179 8.49 -0.12 3.35
N ILE A 180 8.72 1.11 2.88
CA ILE A 180 8.33 1.49 1.54
C ILE A 180 9.07 0.74 0.43
N LEU A 181 10.39 0.56 0.58
CA LEU A 181 11.16 -0.17 -0.44
C LEU A 181 10.73 -1.62 -0.57
N ALA A 182 10.23 -2.21 0.51
CA ALA A 182 9.80 -3.59 0.42
C ALA A 182 8.60 -3.74 -0.53
N THR A 183 7.95 -2.63 -0.89
CA THR A 183 6.80 -2.71 -1.80
C THR A 183 7.18 -2.72 -3.27
N ASP A 184 8.47 -2.73 -3.56
CA ASP A 184 8.95 -2.80 -4.93
C ASP A 184 8.60 -4.22 -5.39
N ILE A 185 7.52 -4.37 -6.15
CA ILE A 185 7.10 -5.69 -6.59
C ILE A 185 8.25 -6.43 -7.25
N SER A 186 9.06 -5.70 -8.00
CA SER A 186 10.22 -6.25 -8.72
C SER A 186 11.10 -7.15 -7.86
N ARG A 187 11.15 -6.90 -6.56
CA ARG A 187 11.97 -7.71 -5.67
C ARG A 187 11.18 -8.62 -4.73
N GLN A 188 9.99 -9.04 -5.14
CA GLN A 188 9.21 -9.91 -4.25
C GLN A 188 9.82 -11.27 -3.96
N ASN A 189 10.46 -11.90 -4.94
CA ASN A 189 11.06 -13.21 -4.68
C ASN A 189 12.04 -13.14 -3.51
N GLU A 190 12.82 -12.07 -3.43
CA GLU A 190 13.76 -11.95 -2.33
C GLU A 190 13.03 -11.84 -0.99
N TYR A 191 12.02 -10.98 -0.93
CA TYR A 191 11.25 -10.80 0.31
C TYR A 191 10.44 -12.03 0.68
N LEU A 192 9.77 -12.63 -0.31
CA LEU A 192 8.98 -13.82 -0.03
C LEU A 192 9.85 -15.01 0.40
N SER A 193 11.01 -15.19 -0.24
CA SER A 193 11.91 -16.29 0.11
C SER A 193 12.42 -16.18 1.53
N LEU A 194 12.81 -14.97 1.92
CA LEU A 194 13.31 -14.74 3.26
C LEU A 194 12.22 -15.05 4.29
N PHE A 195 11.04 -14.50 4.06
CA PHE A 195 9.90 -14.72 4.95
C PHE A 195 9.63 -16.22 5.07
N ARG A 196 9.61 -16.91 3.93
CA ARG A 196 9.37 -18.34 3.89
C ARG A 196 10.42 -19.11 4.68
N SER A 197 11.70 -18.76 4.53
CA SER A 197 12.74 -19.47 5.26
C SER A 197 12.45 -19.39 6.75
N HIS A 198 12.14 -18.17 7.22
CA HIS A 198 11.86 -17.96 8.63
C HIS A 198 10.66 -18.74 9.10
N LEU A 199 9.62 -18.78 8.29
CA LEU A 199 8.43 -19.55 8.67
C LEU A 199 8.75 -21.04 8.73
N ASP A 200 9.69 -21.51 7.90
CA ASP A 200 10.08 -22.91 7.92
C ASP A 200 10.88 -23.19 9.18
N ARG A 201 11.90 -22.37 9.43
CA ARG A 201 12.71 -22.55 10.62
C ARG A 201 11.88 -22.31 11.88
N GLY A 202 10.81 -21.52 11.75
CA GLY A 202 9.98 -21.20 12.90
C GLY A 202 10.77 -20.43 13.95
N ASP A 203 11.74 -19.64 13.49
CA ASP A 203 12.60 -18.88 14.38
C ASP A 203 12.27 -17.40 14.56
N LEU A 204 11.17 -16.92 13.98
CA LEU A 204 10.82 -15.51 14.13
C LEU A 204 10.53 -15.16 15.58
N CYS A 205 11.18 -14.11 16.08
CA CYS A 205 10.98 -13.65 17.43
C CYS A 205 10.40 -12.23 17.31
N LEU A 206 9.10 -12.11 17.60
CA LEU A 206 8.42 -10.82 17.49
C LEU A 206 8.84 -9.74 18.47
N GLU A 207 9.52 -10.11 19.56
CA GLU A 207 9.96 -9.12 20.52
C GLU A 207 11.30 -8.53 20.08
N ASP A 208 11.77 -9.01 18.94
CA ASP A 208 13.01 -8.52 18.35
C ASP A 208 12.57 -7.49 17.30
N THR A 209 13.13 -6.29 17.37
CA THR A 209 12.76 -5.26 16.42
C THR A 209 12.94 -5.66 14.97
N ARG A 210 14.11 -6.22 14.63
CA ARG A 210 14.36 -6.61 13.25
C ARG A 210 13.35 -7.62 12.73
N HIS A 211 13.16 -8.73 13.43
CA HIS A 211 12.19 -9.73 13.00
C HIS A 211 10.81 -9.10 12.86
N ARG A 212 10.43 -8.30 13.84
CA ARG A 212 9.13 -7.65 13.82
C ARG A 212 8.94 -6.76 12.60
N HIS A 213 9.99 -6.03 12.21
CA HIS A 213 9.86 -5.16 11.06
C HIS A 213 9.89 -5.92 9.73
N LEU A 214 10.46 -7.13 9.73
CA LEU A 214 10.46 -7.93 8.52
C LEU A 214 9.00 -8.28 8.28
N VAL A 215 8.34 -8.67 9.37
CA VAL A 215 6.93 -9.01 9.33
C VAL A 215 6.09 -7.81 8.90
N LEU A 216 6.38 -6.63 9.48
CA LEU A 216 5.63 -5.43 9.11
C LEU A 216 5.83 -5.13 7.63
N GLN A 217 7.04 -5.38 7.12
CA GLN A 217 7.31 -5.15 5.72
C GLN A 217 6.47 -6.10 4.85
N MET A 218 6.30 -7.34 5.33
CA MET A 218 5.51 -8.33 4.59
C MET A 218 4.03 -7.93 4.66
N ALA A 219 3.64 -7.33 5.78
CA ALA A 219 2.26 -6.89 5.95
C ALA A 219 1.99 -5.71 5.01
N LEU A 220 2.97 -4.83 4.86
CA LEU A 220 2.78 -3.69 3.97
C LEU A 220 2.69 -4.24 2.53
N LYS A 221 3.56 -5.17 2.18
CA LYS A 221 3.53 -5.80 0.85
C LYS A 221 2.14 -6.42 0.59
N CYS A 222 1.56 -7.05 1.60
CA CYS A 222 0.24 -7.65 1.45
C CYS A 222 -0.81 -6.55 1.20
N ALA A 223 -0.78 -5.55 2.06
CA ALA A 223 -1.72 -4.45 1.96
C ALA A 223 -1.67 -3.82 0.57
N ASP A 224 -0.48 -3.74 0.00
CA ASP A 224 -0.32 -3.13 -1.31
C ASP A 224 -0.91 -3.93 -2.47
N ILE A 225 -1.04 -5.24 -2.30
CA ILE A 225 -1.59 -6.03 -3.39
C ILE A 225 -2.73 -6.93 -2.95
N CYS A 226 -3.48 -6.47 -1.95
CA CYS A 226 -4.61 -7.23 -1.42
C CYS A 226 -5.94 -6.99 -2.15
N ASN A 227 -5.91 -6.20 -3.22
CA ASN A 227 -7.12 -5.92 -4.01
C ASN A 227 -7.88 -7.19 -4.35
N PRO A 228 -7.17 -8.23 -4.83
CA PRO A 228 -7.87 -9.48 -5.18
C PRO A 228 -8.41 -10.21 -3.94
N CYS A 229 -7.99 -9.75 -2.75
CA CYS A 229 -8.44 -10.37 -1.49
C CYS A 229 -9.69 -9.71 -0.92
N ARG A 230 -10.23 -8.73 -1.64
CA ARG A 230 -11.43 -8.06 -1.17
C ARG A 230 -12.65 -8.72 -1.81
N THR A 231 -13.82 -8.34 -1.33
CA THR A 231 -15.06 -8.87 -1.87
C THR A 231 -15.11 -8.48 -3.36
N TRP A 232 -15.61 -9.38 -4.19
CA TRP A 232 -15.70 -9.15 -5.62
C TRP A 232 -16.03 -7.72 -6.05
N GLU A 233 -17.06 -7.12 -5.47
CA GLU A 233 -17.46 -5.77 -5.85
C GLU A 233 -16.36 -4.73 -5.72
N LEU A 234 -15.50 -4.88 -4.72
CA LEU A 234 -14.40 -3.95 -4.53
C LEU A 234 -13.23 -4.35 -5.46
N SER A 235 -12.90 -5.63 -5.43
CA SER A 235 -11.83 -6.17 -6.27
C SER A 235 -12.00 -5.84 -7.75
N LYS A 236 -13.26 -5.88 -8.21
CA LYS A 236 -13.59 -5.60 -9.60
C LYS A 236 -13.26 -4.16 -9.99
N GLN A 237 -13.55 -3.22 -9.11
CA GLN A 237 -13.27 -1.82 -9.39
C GLN A 237 -11.77 -1.56 -9.48
N TRP A 238 -11.00 -2.20 -8.59
CA TRP A 238 -9.54 -2.03 -8.59
C TRP A 238 -8.95 -2.62 -9.86
N SER A 239 -9.45 -3.79 -10.26
CA SER A 239 -8.94 -4.47 -11.46
C SER A 239 -9.11 -3.64 -12.72
N GLU A 240 -10.21 -2.87 -12.77
CA GLU A 240 -10.49 -2.04 -13.93
C GLU A 240 -9.63 -0.78 -13.92
N LYS A 241 -9.36 -0.27 -12.73
CA LYS A 241 -8.56 0.94 -12.59
C LYS A 241 -7.08 0.72 -12.82
N VAL A 242 -6.55 -0.41 -12.33
CA VAL A 242 -5.14 -0.72 -12.52
C VAL A 242 -4.91 -1.03 -13.99
N THR A 243 -5.87 -1.69 -14.62
CA THR A 243 -5.75 -2.05 -16.03
C THR A 243 -5.84 -0.80 -16.88
N GLU A 244 -6.71 0.12 -16.50
CA GLU A 244 -6.87 1.37 -17.22
C GLU A 244 -5.55 2.16 -17.21
N GLU A 245 -4.88 2.16 -16.07
CA GLU A 245 -3.61 2.88 -15.95
C GLU A 245 -2.54 2.19 -16.79
N PHE A 246 -2.51 0.85 -16.76
CA PHE A 246 -1.55 0.08 -17.55
C PHE A 246 -1.72 0.37 -19.04
N PHE A 247 -2.95 0.27 -19.51
CA PHE A 247 -3.25 0.51 -20.91
C PHE A 247 -2.88 1.92 -21.34
N HIS A 248 -3.02 2.89 -20.44
CA HIS A 248 -2.67 4.25 -20.81
C HIS A 248 -1.16 4.39 -21.02
N GLN A 249 -0.37 3.68 -20.23
CA GLN A 249 1.08 3.72 -20.41
C GLN A 249 1.35 3.10 -21.80
N GLY A 250 0.64 2.01 -22.08
CA GLY A 250 0.78 1.33 -23.35
C GLY A 250 0.45 2.22 -24.54
N ASP A 251 -0.64 2.98 -24.45
CA ASP A 251 -1.00 3.85 -25.56
C ASP A 251 0.09 4.87 -25.82
N ILE A 252 0.72 5.37 -24.75
CA ILE A 252 1.81 6.33 -24.91
C ILE A 252 3.01 5.66 -25.57
N GLU A 253 3.32 4.45 -25.13
CA GLU A 253 4.46 3.72 -25.69
C GLU A 253 4.23 3.47 -27.18
N LYS A 254 3.01 3.09 -27.54
CA LYS A 254 2.69 2.83 -28.92
C LYS A 254 2.79 4.09 -29.77
N LYS A 255 2.21 5.18 -29.27
CA LYS A 255 2.20 6.46 -29.98
C LYS A 255 3.60 7.06 -30.22
N TYR A 256 4.49 6.88 -29.26
CA TYR A 256 5.84 7.44 -29.38
C TYR A 256 6.94 6.42 -29.69
N HIS A 257 6.54 5.23 -30.12
CA HIS A 257 7.49 4.18 -30.49
C HIS A 257 8.52 3.91 -29.40
N LEU A 258 8.04 3.59 -28.21
CA LEU A 258 8.93 3.32 -27.10
C LEU A 258 8.96 1.84 -26.78
N GLY A 259 8.08 1.07 -27.43
CA GLY A 259 7.98 -0.34 -27.17
C GLY A 259 6.91 -0.54 -26.09
N VAL A 260 5.86 -1.29 -26.42
CA VAL A 260 4.76 -1.52 -25.48
C VAL A 260 5.12 -2.51 -24.38
N SER A 261 5.25 -2.00 -23.16
CA SER A 261 5.59 -2.86 -22.02
C SER A 261 4.60 -4.00 -21.84
N PRO A 262 4.99 -5.02 -21.07
CA PRO A 262 4.10 -6.17 -20.80
C PRO A 262 2.92 -5.69 -19.96
N LEU A 263 1.73 -6.22 -20.23
CA LEU A 263 0.51 -5.86 -19.50
C LEU A 263 -0.09 -4.52 -19.90
N CYS A 264 0.60 -3.76 -20.76
CA CYS A 264 0.11 -2.45 -21.15
C CYS A 264 -0.52 -2.32 -22.53
N ASP A 265 -0.70 -3.43 -23.24
CA ASP A 265 -1.27 -3.40 -24.58
C ASP A 265 -2.75 -3.76 -24.60
N ARG A 266 -3.61 -2.77 -24.77
CA ARG A 266 -5.06 -3.01 -24.78
C ARG A 266 -5.52 -3.87 -25.96
N HIS A 267 -4.66 -4.08 -26.94
CA HIS A 267 -5.05 -4.87 -28.10
C HIS A 267 -4.66 -6.34 -27.99
N THR A 268 -3.64 -6.63 -27.20
CA THR A 268 -3.17 -8.00 -27.06
C THR A 268 -3.24 -8.55 -25.65
N GLU A 269 -3.78 -7.79 -24.71
CA GLU A 269 -3.85 -8.27 -23.34
C GLU A 269 -5.16 -7.95 -22.62
N SER A 270 -5.85 -9.02 -22.25
CA SER A 270 -7.14 -8.96 -21.57
C SER A 270 -7.01 -8.61 -20.09
N ILE A 271 -7.99 -7.84 -19.60
CA ILE A 271 -8.03 -7.44 -18.20
C ILE A 271 -8.17 -8.68 -17.33
N ALA A 272 -8.82 -9.70 -17.88
CA ALA A 272 -9.03 -10.94 -17.15
C ALA A 272 -7.73 -11.73 -17.05
N ASN A 273 -7.03 -11.88 -18.17
CA ASN A 273 -5.78 -12.62 -18.16
C ASN A 273 -4.76 -11.97 -17.23
N ILE A 274 -4.82 -10.64 -17.13
CA ILE A 274 -3.93 -9.87 -16.28
C ILE A 274 -4.21 -10.19 -14.81
N GLN A 275 -5.48 -10.06 -14.41
CA GLN A 275 -5.85 -10.33 -13.03
C GLN A 275 -5.58 -11.79 -12.64
N ILE A 276 -5.97 -12.72 -13.50
CA ILE A 276 -5.76 -14.14 -13.23
C ILE A 276 -4.28 -14.42 -12.95
N GLY A 277 -3.41 -14.00 -13.86
CA GLY A 277 -1.98 -14.22 -13.69
C GLY A 277 -1.43 -13.56 -12.43
N PHE A 278 -1.87 -12.33 -12.20
CA PHE A 278 -1.44 -11.57 -11.03
C PHE A 278 -1.80 -12.34 -9.76
N MET A 279 -3.03 -12.82 -9.69
CA MET A 279 -3.50 -13.58 -8.53
C MET A 279 -2.78 -14.91 -8.37
N THR A 280 -2.53 -15.57 -9.49
CA THR A 280 -1.86 -16.85 -9.45
C THR A 280 -0.38 -16.79 -9.06
N TYR A 281 0.34 -15.87 -9.67
CA TYR A 281 1.78 -15.76 -9.43
C TYR A 281 2.33 -14.78 -8.41
N LEU A 282 1.54 -13.80 -8.00
CA LEU A 282 1.99 -12.81 -7.04
C LEU A 282 1.14 -12.73 -5.77
N VAL A 283 -0.17 -12.66 -5.93
CA VAL A 283 -1.06 -12.56 -4.79
C VAL A 283 -1.16 -13.85 -3.97
N GLU A 284 -1.48 -14.97 -4.61
CA GLU A 284 -1.62 -16.23 -3.91
C GLU A 284 -0.40 -16.71 -3.14
N PRO A 285 0.80 -16.65 -3.75
CA PRO A 285 1.97 -17.11 -3.01
C PRO A 285 2.20 -16.31 -1.73
N LEU A 286 2.06 -15.00 -1.86
CA LEU A 286 2.28 -14.09 -0.74
C LEU A 286 1.32 -14.33 0.42
N PHE A 287 0.02 -14.36 0.12
CA PHE A 287 -0.98 -14.55 1.15
C PHE A 287 -1.03 -15.94 1.75
N THR A 288 -0.44 -16.92 1.07
CA THR A 288 -0.41 -18.28 1.61
C THR A 288 0.62 -18.26 2.72
N GLU A 289 1.78 -17.68 2.43
CA GLU A 289 2.85 -17.58 3.41
C GLU A 289 2.36 -16.76 4.61
N TRP A 290 1.72 -15.64 4.32
CA TRP A 290 1.21 -14.80 5.38
C TRP A 290 0.22 -15.57 6.24
N ALA A 291 -0.55 -16.46 5.60
CA ALA A 291 -1.54 -17.27 6.32
C ALA A 291 -0.82 -18.29 7.22
N ARG A 292 0.40 -18.68 6.84
CA ARG A 292 1.19 -19.62 7.64
C ARG A 292 1.66 -18.89 8.89
N PHE A 293 1.89 -17.58 8.75
CA PHE A 293 2.34 -16.73 9.84
C PHE A 293 1.16 -16.33 10.72
N SER A 294 0.12 -15.76 10.12
CA SER A 294 -1.07 -15.34 10.85
C SER A 294 -2.22 -16.23 10.43
N ASN A 295 -2.26 -17.41 11.02
CA ASN A 295 -3.28 -18.40 10.72
C ASN A 295 -4.58 -18.05 11.44
N THR A 296 -5.25 -17.03 10.93
CA THR A 296 -6.50 -16.55 11.51
C THR A 296 -7.62 -16.62 10.48
N ARG A 297 -8.80 -16.13 10.84
CA ARG A 297 -9.93 -16.15 9.92
C ARG A 297 -9.74 -15.13 8.80
N LEU A 298 -9.16 -13.98 9.14
CA LEU A 298 -8.92 -12.94 8.14
C LEU A 298 -8.05 -13.50 7.02
N SER A 299 -7.08 -14.33 7.38
CA SER A 299 -6.22 -14.92 6.36
C SER A 299 -7.02 -15.86 5.46
N GLN A 300 -7.93 -16.65 6.04
CA GLN A 300 -8.74 -17.57 5.24
C GLN A 300 -9.68 -16.76 4.35
N THR A 301 -10.31 -15.75 4.93
CA THR A 301 -11.21 -14.88 4.19
C THR A 301 -10.49 -14.31 2.96
N MET A 302 -9.33 -13.71 3.18
CA MET A 302 -8.56 -13.11 2.09
C MET A 302 -8.22 -14.10 0.98
N LEU A 303 -7.72 -15.28 1.32
CA LEU A 303 -7.39 -16.28 0.31
C LEU A 303 -8.67 -16.76 -0.33
N GLY A 304 -9.75 -16.73 0.43
CA GLY A 304 -11.04 -17.16 -0.08
C GLY A 304 -11.47 -16.27 -1.21
N HIS A 305 -11.50 -14.96 -0.97
CA HIS A 305 -11.89 -14.02 -2.01
C HIS A 305 -11.02 -14.16 -3.26
N VAL A 306 -9.71 -14.35 -3.08
CA VAL A 306 -8.81 -14.51 -4.21
C VAL A 306 -9.32 -15.70 -5.03
N GLY A 307 -9.75 -16.74 -4.33
CA GLY A 307 -10.27 -17.93 -4.99
C GLY A 307 -11.52 -17.61 -5.79
N LEU A 308 -12.51 -17.00 -5.14
CA LEU A 308 -13.75 -16.66 -5.80
C LEU A 308 -13.53 -15.68 -6.96
N ASN A 309 -12.93 -14.54 -6.65
CA ASN A 309 -12.69 -13.50 -7.65
C ASN A 309 -11.97 -14.02 -8.89
N LYS A 310 -10.96 -14.86 -8.68
CA LYS A 310 -10.21 -15.42 -9.80
C LYS A 310 -11.09 -16.25 -10.70
N ALA A 311 -11.88 -17.14 -10.10
CA ALA A 311 -12.79 -18.00 -10.86
C ALA A 311 -13.73 -17.12 -11.68
N SER A 312 -14.18 -16.02 -11.09
CA SER A 312 -15.08 -15.08 -11.77
C SER A 312 -14.43 -14.51 -13.02
N TRP A 313 -13.12 -14.30 -12.99
CA TRP A 313 -12.44 -13.78 -14.17
C TRP A 313 -12.35 -14.87 -15.22
N LYS A 314 -12.07 -16.09 -14.78
CA LYS A 314 -11.98 -17.22 -15.71
C LYS A 314 -13.38 -17.39 -16.29
N GLY A 315 -14.38 -17.35 -15.40
CA GLY A 315 -15.76 -17.48 -15.82
C GLY A 315 -16.09 -16.44 -16.86
N LEU A 316 -15.62 -15.20 -16.65
CA LEU A 316 -15.88 -14.12 -17.59
C LEU A 316 -15.05 -14.30 -18.86
N GLN A 317 -15.01 -15.53 -19.34
CA GLN A 317 -14.28 -15.84 -20.56
C GLN A 317 -15.05 -16.88 -21.38
N ARG A 318 -14.61 -18.14 -21.32
CA ARG A 318 -15.29 -19.16 -22.10
C ARG A 318 -14.78 -20.56 -21.74
C1 TC8 B . -2.65 -5.50 -10.39
S2 TC8 B . -1.09 -4.79 -9.89
C3 TC8 B . 0.15 -5.72 -10.70
N4 TC8 B . -0.21 -6.66 -11.60
C5 TC8 B . 0.71 -7.40 -12.24
C6 TC8 B . 0.30 -8.36 -13.15
C7 TC8 B . 1.23 -9.13 -13.81
C8 TC8 B . 2.59 -8.95 -13.56
C9 TC8 B . 3.00 -7.99 -12.64
C10 TC8 B . 2.06 -7.22 -11.99
C11 TC8 B . 2.47 -6.25 -11.06
O12 TC8 B . 3.66 -6.07 -10.84
N13 TC8 B . 1.50 -5.50 -10.41
C14 TC8 B . 1.86 -4.52 -9.46
C15 TC8 B . 2.03 -3.21 -9.86
F16 TC8 B . 1.85 -2.85 -11.15
C17 TC8 B . 2.38 -2.23 -8.94
C18 TC8 B . 2.57 -2.57 -7.61
C19 TC8 B . 2.40 -3.89 -7.20
C20 TC8 B . 2.05 -4.86 -8.12
F21 TC8 B . 1.85 -6.13 -7.70
ZN ZN C . 0.90 0.79 -4.05
MG MG D . 4.67 1.40 -5.64
#